data_3LAZ
#
_entry.id   3LAZ
#
_cell.length_a   106.279
_cell.length_b   106.279
_cell.length_c   51.389
_cell.angle_alpha   90.00
_cell.angle_beta   90.00
_cell.angle_gamma   90.00
#
_symmetry.space_group_name_H-M   'P 41 2 2'
#
loop_
_entity.id
_entity.type
_entity.pdbx_description
1 polymer 'D-galactarate dehydratase'
2 water water
#
_entity_poly.entity_id   1
_entity_poly.type   'polypeptide(L)'
_entity_poly.pdbx_seq_one_letter_code
;SNA(MSE)ANIKIRQETPTAFYIKVHDTDNVAIIVNDNGLKAGTRFPDGLELIEHIPQGHKVALLDIPANGEIIRYGEVI
GYAVRAIPRGSWIDES(MSE)VVLPEA
;
_entity_poly.pdbx_strand_id   A,B
#
# COMPACT_ATOMS: atom_id res chain seq x y z
N ALA A 3 -32.12 -23.12 -6.97
CA ALA A 3 -31.17 -22.32 -7.75
C ALA A 3 -30.77 -21.03 -7.04
N MSE A 4 -31.65 -20.56 -6.16
CA MSE A 4 -31.51 -19.23 -5.56
C MSE A 4 -30.57 -19.20 -4.34
O MSE A 4 -30.13 -18.13 -3.93
CB MSE A 4 -32.87 -18.69 -5.13
CG MSE A 4 -33.96 -18.84 -6.19
SE MSE A 4 -33.61 -17.86 -7.85
CE MSE A 4 -34.24 -19.22 -9.09
N ALA A 5 -30.29 -20.36 -3.78
CA ALA A 5 -29.48 -20.43 -2.58
C ALA A 5 -28.09 -19.84 -2.78
N ASN A 6 -27.55 -19.97 -3.99
CA ASN A 6 -26.17 -19.59 -4.24
C ASN A 6 -25.95 -18.67 -5.44
N ILE A 7 -26.74 -17.60 -5.53
CA ILE A 7 -26.52 -16.60 -6.56
C ILE A 7 -25.17 -15.95 -6.31
N LYS A 8 -24.47 -15.62 -7.40
CA LYS A 8 -23.14 -15.02 -7.29
C LYS A 8 -23.01 -13.82 -8.22
N ILE A 9 -22.65 -12.67 -7.64
CA ILE A 9 -22.31 -11.52 -8.46
C ILE A 9 -20.81 -11.27 -8.34
N ARG A 10 -20.11 -11.30 -9.47
CA ARG A 10 -18.67 -11.16 -9.50
C ARG A 10 -18.26 -9.88 -10.20
N GLN A 11 -17.50 -9.06 -9.49
CA GLN A 11 -17.05 -7.77 -9.99
C GLN A 11 -15.86 -7.94 -10.91
N GLU A 12 -15.73 -7.01 -11.85
CA GLU A 12 -14.51 -6.89 -12.65
C GLU A 12 -13.33 -6.75 -11.69
N THR A 13 -12.22 -7.44 -12.00
CA THR A 13 -11.01 -7.39 -11.18
C THR A 13 -10.68 -5.96 -10.79
N PRO A 14 -10.52 -5.70 -9.48
CA PRO A 14 -10.16 -4.39 -8.94
C PRO A 14 -8.73 -4.06 -9.30
N THR A 15 -8.45 -2.82 -9.67
CA THR A 15 -7.10 -2.43 -10.03
C THR A 15 -6.68 -1.16 -9.32
N ALA A 16 -7.59 -0.56 -8.54
CA ALA A 16 -7.28 0.64 -7.79
C ALA A 16 -7.80 0.54 -6.35
N PHE A 17 -7.03 1.04 -5.40
CA PHE A 17 -7.32 0.85 -4.00
C PHE A 17 -6.80 2.01 -3.19
N TYR A 18 -7.30 2.12 -1.97
CA TYR A 18 -6.57 2.81 -0.93
C TYR A 18 -6.31 1.85 0.23
N ILE A 19 -5.26 2.14 0.97
CA ILE A 19 -4.90 1.28 2.10
C ILE A 19 -4.90 2.11 3.37
N LYS A 20 -5.75 1.71 4.30
CA LYS A 20 -5.91 2.39 5.58
C LYS A 20 -5.40 1.47 6.68
N VAL A 21 -4.36 1.89 7.38
CA VAL A 21 -3.67 0.98 8.28
C VAL A 21 -4.39 0.83 9.63
N HIS A 22 -4.68 1.94 10.28
CA HIS A 22 -5.30 1.89 11.59
C HIS A 22 -6.70 2.48 11.60
N ASP A 23 -7.54 1.98 12.51
CA ASP A 23 -8.93 2.41 12.62
C ASP A 23 -9.08 3.92 12.79
N THR A 24 -8.16 4.53 13.51
CA THR A 24 -8.25 5.96 13.84
C THR A 24 -7.66 6.86 12.75
N ASP A 25 -6.94 6.28 11.80
CA ASP A 25 -6.32 7.08 10.74
C ASP A 25 -7.35 7.93 10.00
N ASN A 26 -6.98 9.14 9.60
CA ASN A 26 -7.82 9.93 8.72
C ASN A 26 -7.20 10.13 7.34
N VAL A 27 -6.19 9.33 7.04
CA VAL A 27 -5.59 9.35 5.72
C VAL A 27 -5.32 7.92 5.27
N ALA A 28 -5.17 7.72 3.97
CA ALA A 28 -4.85 6.39 3.46
C ALA A 28 -3.93 6.55 2.25
N ILE A 29 -3.24 5.49 1.87
CA ILE A 29 -2.34 5.51 0.71
C ILE A 29 -3.06 5.09 -0.57
N ILE A 30 -2.80 5.82 -1.65
CA ILE A 30 -3.40 5.54 -2.94
C ILE A 30 -2.59 4.47 -3.70
N VAL A 31 -3.28 3.48 -4.25
CA VAL A 31 -2.61 2.41 -5.01
C VAL A 31 -3.21 2.22 -6.41
N ASN A 32 -2.34 2.32 -7.42
CA ASN A 32 -2.69 2.28 -8.84
C ASN A 32 -1.57 2.95 -9.65
N ASP A 33 -1.14 2.29 -10.72
CA ASP A 33 0.08 2.65 -11.47
C ASP A 33 0.46 4.12 -11.52
N ASN A 34 -0.26 4.89 -12.30
CA ASN A 34 0.06 6.31 -12.46
C ASN A 34 -0.80 7.19 -11.55
N GLY A 35 -1.13 6.68 -10.36
CA GLY A 35 -1.95 7.42 -9.43
C GLY A 35 -3.42 7.30 -9.80
N LEU A 36 -4.29 7.99 -9.08
CA LEU A 36 -5.72 7.95 -9.37
C LEU A 36 -6.27 9.35 -9.67
N LYS A 37 -7.10 9.45 -10.70
CA LYS A 37 -7.60 10.72 -11.19
C LYS A 37 -8.72 11.27 -10.32
N ALA A 38 -9.02 12.56 -10.47
CA ALA A 38 -10.16 13.16 -9.79
C ALA A 38 -11.43 12.42 -10.21
N GLY A 39 -12.39 12.30 -9.29
CA GLY A 39 -13.64 11.64 -9.60
C GLY A 39 -13.64 10.16 -9.27
N THR A 40 -12.46 9.61 -8.98
CA THR A 40 -12.38 8.23 -8.53
C THR A 40 -13.21 8.05 -7.25
N ARG A 41 -14.09 7.06 -7.24
CA ARG A 41 -14.99 6.85 -6.11
C ARG A 41 -14.60 5.62 -5.31
N PHE A 42 -14.78 5.69 -4.00
CA PHE A 42 -14.59 4.53 -3.13
C PHE A 42 -15.88 4.18 -2.39
N PRO A 43 -16.15 2.88 -2.16
CA PRO A 43 -17.33 2.58 -1.35
C PRO A 43 -17.10 3.10 0.06
N ASP A 44 -17.94 4.07 0.47
CA ASP A 44 -17.82 4.76 1.74
C ASP A 44 -18.13 6.23 1.50
N GLY A 45 -18.20 6.59 0.22
CA GLY A 45 -18.55 7.95 -0.14
C GLY A 45 -17.35 8.79 -0.58
N LEU A 46 -16.15 8.27 -0.37
CA LEU A 46 -14.94 9.00 -0.73
C LEU A 46 -14.90 9.23 -2.23
N GLU A 47 -14.72 10.47 -2.63
CA GLU A 47 -14.43 10.77 -4.03
C GLU A 47 -13.20 11.66 -4.10
N LEU A 48 -12.24 11.25 -4.92
CA LEU A 48 -11.04 12.04 -5.12
C LEU A 48 -11.40 13.35 -5.80
N ILE A 49 -10.88 14.45 -5.29
CA ILE A 49 -11.20 15.76 -5.86
C ILE A 49 -10.07 16.26 -6.76
N GLU A 50 -8.96 15.54 -6.77
CA GLU A 50 -7.84 15.89 -7.61
C GLU A 50 -7.02 14.62 -7.85
N HIS A 51 -6.08 14.68 -8.78
CA HIS A 51 -5.22 13.53 -9.01
C HIS A 51 -4.33 13.32 -7.81
N ILE A 52 -4.14 12.06 -7.42
CA ILE A 52 -3.24 11.71 -6.33
C ILE A 52 -2.27 10.64 -6.81
N PRO A 53 -0.96 10.93 -6.75
CA PRO A 53 0.05 9.99 -7.23
C PRO A 53 0.04 8.69 -6.44
N GLN A 54 0.50 7.59 -7.04
CA GLN A 54 0.57 6.32 -6.31
C GLN A 54 1.48 6.48 -5.10
N GLY A 55 1.05 5.96 -3.94
CA GLY A 55 1.90 5.96 -2.78
C GLY A 55 1.74 7.20 -1.92
N HIS A 56 0.98 8.16 -2.43
CA HIS A 56 0.68 9.38 -1.68
C HIS A 56 -0.59 9.21 -0.86
N LYS A 57 -0.83 10.14 0.06
CA LYS A 57 -1.95 10.06 0.97
C LYS A 57 -3.18 10.79 0.46
N VAL A 58 -4.35 10.20 0.71
CA VAL A 58 -5.62 10.86 0.45
C VAL A 58 -6.29 11.16 1.79
N ALA A 59 -6.93 12.32 1.90
CA ALA A 59 -7.69 12.62 3.11
C ALA A 59 -9.00 11.81 3.12
N LEU A 60 -9.19 11.02 4.17
CA LEU A 60 -10.40 10.20 4.30
C LEU A 60 -11.59 11.02 4.79
N LEU A 61 -11.29 12.19 5.34
CA LEU A 61 -12.28 13.10 5.95
C LEU A 61 -11.85 14.52 5.76
N ASP A 62 -12.78 15.45 5.96
CA ASP A 62 -12.41 16.84 6.01
C ASP A 62 -11.53 17.05 7.24
N ILE A 63 -10.34 17.60 7.04
CA ILE A 63 -9.47 17.91 8.16
C ILE A 63 -9.34 19.43 8.32
N PRO A 64 -9.83 19.98 9.45
CA PRO A 64 -9.76 21.44 9.65
C PRO A 64 -8.31 21.93 9.70
N ALA A 65 -8.11 23.21 9.44
CA ALA A 65 -6.81 23.83 9.63
C ALA A 65 -6.34 23.52 11.05
N ASN A 66 -5.07 23.13 11.17
CA ASN A 66 -4.47 22.72 12.45
C ASN A 66 -4.96 21.41 13.04
N GLY A 67 -5.84 20.72 12.33
CA GLY A 67 -6.30 19.43 12.78
C GLY A 67 -5.22 18.36 12.64
N GLU A 68 -5.29 17.35 13.50
CA GLU A 68 -4.33 16.26 13.49
C GLU A 68 -4.46 15.40 12.24
N ILE A 69 -3.32 15.04 11.66
CA ILE A 69 -3.29 14.09 10.57
C ILE A 69 -2.78 12.80 11.16
N ILE A 70 -3.54 11.72 11.00
CA ILE A 70 -3.29 10.48 11.73
C ILE A 70 -3.11 9.29 10.79
N ARG A 71 -1.93 8.67 10.86
CA ARG A 71 -1.64 7.48 10.07
C ARG A 71 -0.90 6.48 10.95
N TYR A 72 -1.18 5.20 10.77
CA TYR A 72 -0.68 4.18 11.71
C TYR A 72 -1.11 4.50 13.15
N GLY A 73 -2.15 5.31 13.29
CA GLY A 73 -2.72 5.59 14.61
C GLY A 73 -1.93 6.60 15.43
N GLU A 74 -0.98 7.26 14.79
CA GLU A 74 -0.20 8.30 15.44
C GLU A 74 -0.45 9.61 14.73
N VAL A 75 -0.31 10.72 15.45
CA VAL A 75 -0.35 12.01 14.81
C VAL A 75 0.94 12.18 14.05
N ILE A 76 0.83 12.35 12.74
CA ILE A 76 2.02 12.50 11.90
C ILE A 76 2.23 13.96 11.49
N GLY A 77 1.32 14.83 11.89
CA GLY A 77 1.46 16.23 11.56
C GLY A 77 0.15 16.96 11.75
N TYR A 78 0.15 18.26 11.42
CA TYR A 78 -1.05 19.07 11.51
C TYR A 78 -1.29 19.80 10.20
N ALA A 79 -2.55 19.91 9.79
CA ALA A 79 -2.88 20.54 8.53
C ALA A 79 -2.56 22.03 8.58
N VAL A 80 -1.82 22.51 7.60
CA VAL A 80 -1.50 23.94 7.53
C VAL A 80 -2.73 24.73 7.19
N ARG A 81 -3.47 24.25 6.20
CA ARG A 81 -4.77 24.81 5.90
C ARG A 81 -5.77 23.67 5.91
N ALA A 82 -7.06 23.99 5.96
CA ALA A 82 -8.05 22.94 6.00
C ALA A 82 -7.85 22.02 4.80
N ILE A 83 -8.10 20.72 4.99
CA ILE A 83 -7.88 19.73 3.93
C ILE A 83 -9.21 19.06 3.60
N PRO A 84 -9.71 19.28 2.37
CA PRO A 84 -10.99 18.69 1.98
C PRO A 84 -10.88 17.17 1.90
N ARG A 85 -11.94 16.48 2.29
CA ARG A 85 -12.00 15.03 2.11
C ARG A 85 -11.71 14.73 0.66
N GLY A 86 -10.94 13.68 0.39
CA GLY A 86 -10.63 13.31 -0.98
C GLY A 86 -9.51 14.10 -1.64
N SER A 87 -8.84 14.96 -0.89
CA SER A 87 -7.73 15.69 -1.48
C SER A 87 -6.38 14.99 -1.28
N TRP A 88 -5.42 15.37 -2.09
CA TRP A 88 -4.04 14.94 -1.95
C TRP A 88 -3.38 15.60 -0.72
N ILE A 89 -2.77 14.80 0.15
CA ILE A 89 -2.06 15.42 1.28
C ILE A 89 -0.65 15.73 0.81
N ASP A 90 -0.43 16.92 0.29
CA ASP A 90 0.92 17.27 -0.15
C ASP A 90 1.72 17.79 1.03
N GLU A 91 3.02 17.51 1.01
CA GLU A 91 3.87 17.82 2.15
C GLU A 91 3.90 19.32 2.49
N SER A 92 3.73 20.18 1.48
CA SER A 92 3.79 21.61 1.73
C SER A 92 2.70 22.06 2.71
N MSE A 93 1.62 21.28 2.82
CA MSE A 93 0.48 21.65 3.68
C MSE A 93 0.44 20.90 5.02
O MSE A 93 -0.62 20.80 5.62
CB MSE A 93 -0.84 21.44 2.93
CG MSE A 93 -1.02 22.27 1.67
SE MSE A 93 -0.99 24.20 1.95
CE MSE A 93 -1.14 24.77 0.09
N VAL A 94 1.58 20.38 5.46
CA VAL A 94 1.65 19.71 6.76
C VAL A 94 2.78 20.24 7.64
N VAL A 95 2.43 20.75 8.82
CA VAL A 95 3.45 21.11 9.81
C VAL A 95 3.75 19.87 10.64
N LEU A 96 5.03 19.56 10.82
CA LEU A 96 5.43 18.38 11.58
C LEU A 96 5.27 18.58 13.08
N PRO A 97 5.08 17.48 13.81
CA PRO A 97 4.96 17.56 15.27
C PRO A 97 6.33 17.79 15.88
N GLU A 98 6.41 18.70 16.87
CA GLU A 98 7.67 18.99 17.53
C GLU A 98 7.45 19.60 18.91
N SER B 1 4.97 -24.89 36.77
CA SER B 1 4.89 -23.68 37.57
C SER B 1 6.28 -23.21 38.01
N ASN B 2 7.31 -23.85 37.45
CA ASN B 2 8.69 -23.52 37.78
C ASN B 2 9.16 -22.16 37.22
N ALA B 3 10.33 -21.72 37.69
CA ALA B 3 10.85 -20.40 37.34
C ALA B 3 10.73 -20.06 35.86
N MSE B 4 11.15 -20.99 35.00
CA MSE B 4 11.28 -20.70 33.58
C MSE B 4 9.98 -20.78 32.79
O MSE B 4 9.93 -20.38 31.63
CB MSE B 4 12.34 -21.60 32.95
CG MSE B 4 13.71 -21.46 33.60
SE MSE B 4 14.52 -19.71 33.30
CE MSE B 4 13.48 -18.61 34.54
N ALA B 5 8.93 -21.28 33.42
CA ALA B 5 7.64 -21.40 32.75
C ALA B 5 6.93 -20.05 32.67
N ASN B 6 7.22 -19.17 33.61
CA ASN B 6 6.54 -17.88 33.70
C ASN B 6 7.18 -16.79 32.86
N ILE B 7 8.17 -17.17 32.06
CA ILE B 7 8.81 -16.22 31.16
C ILE B 7 7.87 -15.88 30.01
N LYS B 8 7.92 -14.63 29.56
CA LYS B 8 7.25 -14.27 28.32
C LYS B 8 8.19 -13.56 27.35
N ILE B 9 8.11 -13.95 26.10
CA ILE B 9 8.95 -13.36 25.05
C ILE B 9 8.10 -12.47 24.15
N ARG B 10 8.47 -11.20 24.05
CA ARG B 10 7.70 -10.27 23.25
C ARG B 10 8.57 -9.81 22.10
N GLN B 11 8.06 -9.97 20.88
CA GLN B 11 8.80 -9.65 19.67
C GLN B 11 8.54 -8.21 19.25
N GLU B 12 9.52 -7.58 18.60
CA GLU B 12 9.37 -6.21 18.14
C GLU B 12 8.16 -6.07 17.22
N THR B 13 7.67 -4.83 17.11
CA THR B 13 6.41 -4.53 16.43
C THR B 13 6.61 -4.20 14.96
N PRO B 14 6.10 -5.06 14.08
CA PRO B 14 6.23 -4.89 12.64
C PRO B 14 5.47 -3.66 12.17
N THR B 15 6.09 -2.82 11.35
CA THR B 15 5.33 -1.76 10.67
C THR B 15 5.13 -2.04 9.18
N ALA B 16 6.13 -2.61 8.52
CA ALA B 16 5.99 -2.90 7.10
C ALA B 16 5.10 -4.12 6.86
N PHE B 17 4.42 -4.12 5.72
CA PHE B 17 3.64 -5.29 5.34
C PHE B 17 3.36 -5.26 3.85
N TYR B 18 3.03 -6.42 3.30
CA TYR B 18 2.58 -6.47 1.93
C TYR B 18 1.20 -7.10 1.82
N ILE B 19 0.55 -6.84 0.70
CA ILE B 19 -0.77 -7.37 0.45
C ILE B 19 -0.72 -8.12 -0.87
N LYS B 20 -0.93 -9.43 -0.80
CA LYS B 20 -0.98 -10.28 -1.97
C LYS B 20 -2.45 -10.39 -2.32
N VAL B 21 -2.87 -9.64 -3.34
CA VAL B 21 -4.29 -9.50 -3.64
C VAL B 21 -4.89 -10.80 -4.14
N HIS B 22 -4.28 -11.35 -5.18
CA HIS B 22 -4.73 -12.61 -5.77
C HIS B 22 -3.72 -13.73 -5.50
N ASP B 23 -4.23 -14.93 -5.28
CA ASP B 23 -3.38 -16.05 -4.92
C ASP B 23 -2.34 -16.43 -5.99
N THR B 24 -2.64 -16.13 -7.26
CA THR B 24 -1.76 -16.47 -8.37
C THR B 24 -0.66 -15.43 -8.58
N ASP B 25 -0.73 -14.34 -7.83
CA ASP B 25 0.19 -13.22 -8.00
C ASP B 25 1.60 -13.56 -7.54
N ASN B 26 2.60 -13.07 -8.26
CA ASN B 26 3.98 -13.12 -7.79
C ASN B 26 4.48 -11.73 -7.43
N VAL B 27 3.53 -10.80 -7.29
CA VAL B 27 3.83 -9.44 -6.86
C VAL B 27 2.86 -9.05 -5.74
N ALA B 28 3.24 -8.07 -4.92
CA ALA B 28 2.36 -7.58 -3.85
C ALA B 28 2.55 -6.09 -3.62
N ILE B 29 1.50 -5.45 -3.14
CA ILE B 29 1.55 -4.06 -2.76
C ILE B 29 2.25 -4.01 -1.43
N ILE B 30 3.24 -3.14 -1.32
CA ILE B 30 4.05 -3.08 -0.11
C ILE B 30 3.85 -1.73 0.60
N VAL B 31 3.78 -1.76 1.92
CA VAL B 31 3.33 -0.59 2.70
C VAL B 31 4.15 -0.46 3.96
N ASN B 32 4.45 0.78 4.35
CA ASN B 32 5.16 1.01 5.61
C ASN B 32 4.79 2.38 6.15
N ASP B 33 5.23 2.70 7.36
CA ASP B 33 4.96 4.03 7.89
C ASP B 33 5.85 5.07 7.21
N ASN B 34 7.09 4.69 6.94
CA ASN B 34 8.08 5.60 6.39
C ASN B 34 8.85 5.00 5.21
N GLY B 35 8.15 4.42 4.23
CA GLY B 35 8.85 3.90 3.07
C GLY B 35 9.68 2.66 3.34
N LEU B 36 9.89 1.85 2.30
CA LEU B 36 10.46 0.53 2.46
C LEU B 36 11.94 0.47 2.14
N LYS B 37 12.75 0.13 3.15
CA LYS B 37 14.20 0.16 3.01
C LYS B 37 14.78 -1.19 2.61
N ALA B 38 15.79 -1.14 1.75
CA ALA B 38 16.58 -2.32 1.41
C ALA B 38 16.93 -3.09 2.68
N GLY B 39 16.87 -4.40 2.61
CA GLY B 39 17.18 -5.23 3.77
C GLY B 39 15.98 -5.61 4.62
N THR B 40 14.83 -4.99 4.41
CA THR B 40 13.64 -5.33 5.17
C THR B 40 13.22 -6.78 4.90
N ARG B 41 12.90 -7.52 5.97
CA ARG B 41 12.60 -8.94 5.82
C ARG B 41 11.14 -9.35 6.08
N PHE B 42 10.66 -10.29 5.28
CA PHE B 42 9.29 -10.78 5.35
C PHE B 42 9.33 -12.31 5.38
N PRO B 43 8.18 -12.96 5.58
CA PRO B 43 8.14 -14.42 5.72
C PRO B 43 8.68 -15.20 4.51
N ASP B 44 9.02 -16.47 4.74
CA ASP B 44 9.50 -17.38 3.70
C ASP B 44 10.78 -16.90 3.04
N GLY B 45 11.63 -16.23 3.81
CA GLY B 45 12.93 -15.81 3.32
C GLY B 45 12.94 -14.60 2.41
N LEU B 46 11.79 -13.98 2.17
CA LEU B 46 11.76 -12.80 1.32
C LEU B 46 12.51 -11.67 2.00
N GLU B 47 13.38 -11.00 1.26
CA GLU B 47 14.10 -9.86 1.81
C GLU B 47 14.26 -8.81 0.74
N LEU B 48 13.86 -7.58 1.04
CA LEU B 48 13.99 -6.49 0.08
C LEU B 48 15.46 -6.34 -0.29
N ILE B 49 15.75 -6.23 -1.57
CA ILE B 49 17.15 -6.02 -1.97
C ILE B 49 17.47 -4.60 -2.40
N GLU B 50 16.47 -3.72 -2.28
CA GLU B 50 16.62 -2.31 -2.60
C GLU B 50 15.45 -1.60 -1.96
N HIS B 51 15.52 -0.28 -1.89
CA HIS B 51 14.38 0.49 -1.42
C HIS B 51 13.22 0.30 -2.37
N ILE B 52 12.00 0.35 -1.84
CA ILE B 52 10.81 0.29 -2.67
C ILE B 52 9.86 1.40 -2.23
N PRO B 53 9.37 2.18 -3.20
CA PRO B 53 8.49 3.31 -2.86
C PRO B 53 7.20 2.82 -2.22
N GLN B 54 6.70 3.59 -1.27
CA GLN B 54 5.44 3.36 -0.61
C GLN B 54 4.34 2.94 -1.59
N GLY B 55 3.66 1.84 -1.28
CA GLY B 55 2.47 1.46 -2.04
C GLY B 55 2.76 0.88 -3.42
N HIS B 56 4.03 0.72 -3.75
CA HIS B 56 4.39 0.16 -5.04
C HIS B 56 4.47 -1.36 -4.95
N LYS B 57 4.90 -2.03 -6.03
CA LYS B 57 4.93 -3.50 -6.07
C LYS B 57 6.31 -4.12 -5.82
N VAL B 58 6.34 -5.16 -4.99
CA VAL B 58 7.55 -5.93 -4.76
C VAL B 58 7.40 -7.30 -5.40
N ALA B 59 8.49 -7.86 -5.92
CA ALA B 59 8.45 -9.21 -6.47
C ALA B 59 8.50 -10.21 -5.33
N LEU B 60 7.48 -11.07 -5.24
CA LEU B 60 7.41 -12.06 -4.17
C LEU B 60 8.33 -13.25 -4.48
N LEU B 61 8.68 -13.40 -5.74
CA LEU B 61 9.45 -14.55 -6.20
C LEU B 61 10.51 -14.10 -7.18
N ASP B 62 11.48 -14.96 -7.44
CA ASP B 62 12.39 -14.74 -8.54
C ASP B 62 11.60 -14.94 -9.83
N ILE B 63 11.54 -13.91 -10.67
CA ILE B 63 10.83 -14.02 -11.94
C ILE B 63 11.84 -14.08 -13.07
N PRO B 64 11.82 -15.16 -13.85
CA PRO B 64 12.89 -15.27 -14.86
C PRO B 64 12.61 -14.31 -16.02
N ALA B 65 13.63 -14.02 -16.81
CA ALA B 65 13.43 -13.20 -17.99
C ALA B 65 12.31 -13.82 -18.80
N ASN B 66 11.42 -12.99 -19.32
CA ASN B 66 10.25 -13.42 -20.11
C ASN B 66 9.20 -14.16 -19.30
N GLY B 67 9.37 -14.20 -17.98
CA GLY B 67 8.39 -14.85 -17.14
C GLY B 67 7.20 -13.94 -16.91
N GLU B 68 6.04 -14.53 -16.68
CA GLU B 68 4.86 -13.71 -16.54
C GLU B 68 4.88 -12.97 -15.21
N ILE B 69 4.44 -11.73 -15.26
CA ILE B 69 4.30 -10.94 -14.06
C ILE B 69 2.81 -10.89 -13.80
N ILE B 70 2.39 -11.49 -12.70
CA ILE B 70 0.97 -11.67 -12.41
C ILE B 70 0.53 -10.76 -11.26
N ARG B 71 -0.37 -9.82 -11.56
CA ARG B 71 -0.85 -8.86 -10.57
C ARG B 71 -2.37 -8.85 -10.58
N TYR B 72 -2.97 -8.88 -9.39
CA TYR B 72 -4.41 -9.01 -9.25
C TYR B 72 -4.95 -10.14 -10.13
N GLY B 73 -4.15 -11.18 -10.31
CA GLY B 73 -4.54 -12.36 -11.06
C GLY B 73 -4.42 -12.17 -12.57
N GLU B 74 -3.89 -11.02 -12.98
CA GLU B 74 -3.72 -10.72 -14.39
C GLU B 74 -2.24 -10.69 -14.78
N VAL B 75 -1.84 -11.55 -15.69
CA VAL B 75 -0.49 -11.39 -16.25
C VAL B 75 -0.54 -10.08 -17.02
N ILE B 76 0.13 -9.07 -16.46
CA ILE B 76 0.11 -7.73 -17.03
C ILE B 76 1.22 -7.57 -18.05
N GLY B 77 2.07 -8.59 -18.13
CA GLY B 77 3.18 -8.59 -19.04
C GLY B 77 4.23 -9.60 -18.61
N TYR B 78 5.44 -9.43 -19.13
CA TYR B 78 6.52 -10.37 -18.93
C TYR B 78 7.79 -9.62 -18.58
N ALA B 79 8.58 -10.18 -17.67
CA ALA B 79 9.80 -9.51 -17.24
C ALA B 79 10.73 -9.29 -18.41
N VAL B 80 11.07 -8.03 -18.67
CA VAL B 80 12.04 -7.72 -19.71
C VAL B 80 13.36 -8.38 -19.41
N ARG B 81 13.78 -8.32 -18.14
CA ARG B 81 14.93 -9.09 -17.68
C ARG B 81 14.50 -9.84 -16.44
N ALA B 82 15.31 -10.79 -15.98
CA ALA B 82 14.97 -11.48 -14.75
C ALA B 82 14.73 -10.47 -13.63
N ILE B 83 13.74 -10.76 -12.80
CA ILE B 83 13.42 -9.91 -11.66
C ILE B 83 13.67 -10.69 -10.37
N PRO B 84 14.67 -10.26 -9.60
CA PRO B 84 14.99 -11.01 -8.40
C PRO B 84 13.94 -10.82 -7.32
N ARG B 85 13.71 -11.85 -6.53
CA ARG B 85 12.86 -11.74 -5.35
C ARG B 85 13.24 -10.51 -4.53
N GLY B 86 12.23 -9.74 -4.13
CA GLY B 86 12.43 -8.58 -3.27
C GLY B 86 12.85 -7.31 -3.99
N SER B 87 12.63 -7.29 -5.30
CA SER B 87 12.91 -6.12 -6.14
C SER B 87 11.65 -5.29 -6.27
N TRP B 88 11.82 -3.99 -6.52
CA TRP B 88 10.69 -3.13 -6.86
C TRP B 88 10.35 -3.41 -8.32
N ILE B 89 9.07 -3.64 -8.60
CA ILE B 89 8.64 -3.88 -9.98
C ILE B 89 8.15 -2.59 -10.60
N ASP B 90 9.00 -1.93 -11.37
CA ASP B 90 8.58 -0.72 -12.08
C ASP B 90 7.74 -1.12 -13.29
N GLU B 91 6.53 -0.59 -13.38
CA GLU B 91 5.62 -0.99 -14.45
C GLU B 91 6.11 -0.58 -15.84
N SER B 92 7.43 -0.60 -16.01
CA SER B 92 8.06 -0.47 -17.32
C SER B 92 8.90 -1.70 -17.55
N MSE B 93 9.29 -2.34 -16.45
CA MSE B 93 10.01 -3.62 -16.48
C MSE B 93 9.10 -4.69 -17.05
O MSE B 93 9.47 -5.88 -17.08
CB MSE B 93 10.43 -4.03 -15.07
CG MSE B 93 11.54 -3.19 -14.46
SE MSE B 93 11.65 -3.41 -12.53
CE MSE B 93 13.21 -2.28 -12.21
N VAL B 94 7.92 -4.27 -17.48
CA VAL B 94 6.87 -5.17 -17.90
C VAL B 94 6.45 -4.85 -19.33
N VAL B 95 6.64 -5.80 -20.24
CA VAL B 95 6.13 -5.67 -21.60
C VAL B 95 4.98 -6.65 -21.82
N LEU B 96 4.14 -6.37 -22.80
CA LEU B 96 3.09 -7.32 -23.20
C LEU B 96 3.21 -7.66 -24.69
#